data_2IBO
#
_entry.id   2IBO
#
_cell.length_a   91.901
_cell.length_b   91.901
_cell.length_c   156.364
_cell.angle_alpha   90.00
_cell.angle_beta   90.00
_cell.angle_gamma   90.00
#
_symmetry.space_group_name_H-M   'P 43 21 2'
#
loop_
_entity.id
_entity.type
_entity.pdbx_description
1 polymer 'Hypothetical protein SP2199'
2 water water
#
_entity_poly.entity_id   1
_entity_poly.type   'polypeptide(L)'
_entity_poly.pdbx_seq_one_letter_code
;(MSE)KASIALQVLPLVQGIDRIAVIDQVIAYLQTQEVT(MSE)VVTPFETVLEGEFDEL(MSE)RILKEALEVAGQEAD
NVFANVKINVGEILSIDEKLEKYTETTHLEHHHHHH
;
_entity_poly.pdbx_strand_id   A,B,C,D
#
# COMPACT_ATOMS: atom_id res chain seq x y z
N MSE A 1 -9.93 20.34 -0.83
CA MSE A 1 -10.71 20.32 0.44
C MSE A 1 -10.86 18.91 1.03
O MSE A 1 -9.94 18.41 1.65
CB MSE A 1 -12.09 20.93 0.22
CG MSE A 1 -12.97 20.96 1.46
SE MSE A 1 -14.70 21.76 1.08
CE MSE A 1 -15.36 20.42 -0.18
N LYS A 2 -12.03 18.29 0.85
CA LYS A 2 -12.29 16.97 1.41
C LYS A 2 -11.18 15.95 1.15
N ALA A 3 -10.83 15.22 2.21
CA ALA A 3 -9.78 14.22 2.10
C ALA A 3 -9.90 13.14 3.17
N SER A 4 -9.38 11.97 2.87
CA SER A 4 -9.42 10.87 3.82
C SER A 4 -8.01 10.27 3.80
N ILE A 5 -7.53 9.91 4.99
CA ILE A 5 -6.18 9.37 5.18
C ILE A 5 -6.29 8.10 5.99
N ALA A 6 -5.62 7.05 5.54
CA ALA A 6 -5.62 5.79 6.26
C ALA A 6 -4.17 5.63 6.71
N LEU A 7 -3.95 5.40 7.99
CA LEU A 7 -2.58 5.27 8.49
C LEU A 7 -2.29 3.96 9.20
N GLN A 8 -1.13 3.39 8.87
CA GLN A 8 -0.67 2.16 9.49
C GLN A 8 0.80 2.35 9.80
N VAL A 9 1.14 2.23 11.07
CA VAL A 9 2.51 2.40 11.47
C VAL A 9 3.11 1.07 11.85
N LEU A 10 4.16 0.69 11.12
CA LEU A 10 4.86 -0.55 11.41
C LEU A 10 6.26 -0.19 11.88
N PRO A 11 6.44 -0.06 13.20
CA PRO A 11 7.78 0.27 13.70
C PRO A 11 8.61 -1.00 13.60
N LEU A 12 9.85 -0.85 13.14
CA LEU A 12 10.73 -1.99 13.01
C LEU A 12 11.59 -2.08 14.26
N VAL A 13 10.91 -2.38 15.37
CA VAL A 13 11.52 -2.51 16.67
C VAL A 13 10.83 -3.68 17.36
N GLN A 14 11.52 -4.24 18.36
CA GLN A 14 11.04 -5.39 19.13
C GLN A 14 9.60 -5.33 19.63
N GLY A 15 9.35 -6.02 20.74
CA GLY A 15 8.00 -6.05 21.29
C GLY A 15 7.50 -4.82 22.03
N ILE A 16 7.85 -4.71 23.31
CA ILE A 16 7.42 -3.61 24.15
C ILE A 16 7.64 -2.22 23.55
N ASP A 17 8.77 -2.02 22.89
CA ASP A 17 9.05 -0.71 22.30
C ASP A 17 8.07 -0.34 21.18
N ARG A 18 7.52 -1.36 20.51
CA ARG A 18 6.59 -1.12 19.39
C ARG A 18 5.14 -0.89 19.83
N ILE A 19 4.71 -1.62 20.84
CA ILE A 19 3.34 -1.45 21.36
C ILE A 19 3.22 -0.04 21.93
N ALA A 20 4.36 0.60 22.15
CA ALA A 20 4.37 1.95 22.67
C ALA A 20 4.27 2.95 21.53
N VAL A 21 5.08 2.81 20.48
CA VAL A 21 4.99 3.78 19.40
C VAL A 21 3.57 3.73 18.85
N ILE A 22 3.01 2.53 18.77
CA ILE A 22 1.65 2.39 18.27
C ILE A 22 0.66 3.08 19.22
N ASP A 23 0.80 2.80 20.51
CA ASP A 23 -0.09 3.43 21.49
C ASP A 23 0.04 4.95 21.37
N GLN A 24 1.27 5.43 21.23
CA GLN A 24 1.52 6.87 21.13
C GLN A 24 0.89 7.50 19.89
N VAL A 25 0.96 6.81 18.76
CA VAL A 25 0.39 7.36 17.56
C VAL A 25 -1.13 7.43 17.67
N ILE A 26 -1.72 6.40 18.29
CA ILE A 26 -3.17 6.35 18.47
C ILE A 26 -3.62 7.47 19.39
N ALA A 27 -2.97 7.58 20.55
CA ALA A 27 -3.30 8.61 21.54
C ALA A 27 -3.21 10.00 20.91
N TYR A 28 -2.11 10.27 20.22
CA TYR A 28 -1.96 11.55 19.57
C TYR A 28 -3.13 11.80 18.63
N LEU A 29 -3.42 10.83 17.77
CA LEU A 29 -4.51 10.95 16.82
C LEU A 29 -5.85 11.27 17.50
N GLN A 30 -6.14 10.61 18.61
CA GLN A 30 -7.39 10.87 19.33
C GLN A 30 -7.46 12.34 19.79
N THR A 31 -6.28 12.89 20.04
CA THR A 31 -6.12 14.26 20.48
C THR A 31 -6.60 15.28 19.45
N GLN A 32 -6.47 14.95 18.17
CA GLN A 32 -6.91 15.88 17.15
C GLN A 32 -8.44 15.91 17.06
N GLU A 33 -8.98 16.99 16.51
CA GLU A 33 -10.42 17.12 16.40
C GLU A 33 -10.82 16.62 15.03
N VAL A 34 -10.46 15.37 14.75
CA VAL A 34 -10.72 14.77 13.46
C VAL A 34 -11.47 13.45 13.60
N THR A 35 -12.34 13.17 12.64
CA THR A 35 -13.13 11.94 12.61
C THR A 35 -12.17 10.77 12.38
N MSE A 36 -12.18 9.81 13.31
CA MSE A 36 -11.28 8.68 13.18
C MSE A 36 -11.87 7.31 13.48
O MSE A 36 -12.70 7.14 14.38
CB MSE A 36 -10.03 8.91 14.02
CG MSE A 36 -10.19 8.71 15.51
SE MSE A 36 -8.41 8.77 16.49
CE MSE A 36 -7.92 6.95 16.39
N VAL A 37 -11.47 6.32 12.69
CA VAL A 37 -11.91 4.95 12.89
C VAL A 37 -10.70 4.06 12.88
N VAL A 38 -10.55 3.26 13.92
CA VAL A 38 -9.42 2.36 13.99
C VAL A 38 -9.88 1.03 13.40
N THR A 39 -9.26 0.59 12.31
CA THR A 39 -9.63 -0.69 11.73
C THR A 39 -8.44 -1.58 12.02
N PRO A 40 -8.55 -2.89 11.74
CA PRO A 40 -7.47 -3.87 11.99
C PRO A 40 -6.07 -3.63 11.42
N PHE A 41 -5.96 -2.99 10.27
CA PHE A 41 -4.62 -2.77 9.69
C PHE A 41 -4.21 -1.31 9.58
N GLU A 42 -5.18 -0.41 9.66
CA GLU A 42 -4.89 1.00 9.53
C GLU A 42 -5.90 1.88 10.25
N THR A 43 -5.50 3.10 10.61
CA THR A 43 -6.43 4.00 11.28
C THR A 43 -6.88 4.98 10.22
N VAL A 44 -8.20 5.07 10.04
CA VAL A 44 -8.78 5.94 9.02
C VAL A 44 -9.24 7.27 9.56
N LEU A 45 -8.72 8.34 8.97
CA LEU A 45 -9.07 9.71 9.36
C LEU A 45 -9.86 10.39 8.26
N GLU A 46 -10.74 11.32 8.63
CA GLU A 46 -11.56 12.03 7.64
C GLU A 46 -11.65 13.50 7.97
N GLY A 47 -11.46 14.36 6.97
CA GLY A 47 -11.52 15.80 7.17
C GLY A 47 -10.87 16.58 6.04
N GLU A 48 -10.53 17.85 6.31
CA GLU A 48 -9.90 18.75 5.32
C GLU A 48 -8.49 18.26 4.97
N PHE A 49 -8.14 18.34 3.69
CA PHE A 49 -6.83 17.89 3.27
C PHE A 49 -5.71 18.51 4.09
N ASP A 50 -5.76 19.83 4.25
CA ASP A 50 -4.75 20.55 5.01
C ASP A 50 -4.51 20.01 6.43
N GLU A 51 -5.59 19.80 7.17
CA GLU A 51 -5.49 19.29 8.53
C GLU A 51 -4.96 17.84 8.58
N LEU A 52 -5.38 17.00 7.64
CA LEU A 52 -4.93 15.62 7.63
C LEU A 52 -3.43 15.56 7.33
N MSE A 53 -2.95 16.35 6.38
CA MSE A 53 -1.53 16.34 6.08
C MSE A 53 -0.75 16.77 7.32
O MSE A 53 0.31 16.19 7.64
CB MSE A 53 -1.20 17.26 4.91
CG MSE A 53 -1.65 16.72 3.56
SE MSE A 53 -1.03 14.88 3.19
CE MSE A 53 -2.66 13.99 3.65
N ARG A 54 -1.29 17.74 8.05
CA ARG A 54 -0.66 18.23 9.27
C ARG A 54 -0.67 17.11 10.32
N ILE A 55 -1.82 16.48 10.51
CA ILE A 55 -1.95 15.41 11.49
C ILE A 55 -1.06 14.22 11.12
N LEU A 56 -0.98 13.90 9.83
CA LEU A 56 -0.16 12.78 9.36
C LEU A 56 1.29 13.03 9.74
N LYS A 57 1.77 14.24 9.44
CA LYS A 57 3.15 14.61 9.74
C LYS A 57 3.45 14.54 11.22
N GLU A 58 2.52 15.01 12.05
CA GLU A 58 2.72 14.96 13.50
C GLU A 58 2.68 13.52 13.98
N ALA A 59 1.71 12.74 13.49
CA ALA A 59 1.59 11.35 13.89
C ALA A 59 2.91 10.63 13.65
N LEU A 60 3.51 10.87 12.49
CA LEU A 60 4.77 10.22 12.17
C LEU A 60 5.93 10.72 13.04
N GLU A 61 5.93 12.02 13.36
CA GLU A 61 6.98 12.57 14.23
C GLU A 61 6.83 11.97 15.63
N VAL A 62 5.59 11.73 16.05
CA VAL A 62 5.38 11.11 17.36
C VAL A 62 5.98 9.71 17.32
N ALA A 63 5.62 8.92 16.30
CA ALA A 63 6.12 7.56 16.17
C ALA A 63 7.64 7.52 16.09
N GLY A 64 8.21 8.48 15.37
CA GLY A 64 9.65 8.54 15.21
C GLY A 64 10.42 8.87 16.48
N GLN A 65 9.72 9.43 17.46
CA GLN A 65 10.37 9.75 18.72
C GLN A 65 9.94 8.71 19.74
N GLU A 66 10.02 7.44 19.33
CA GLU A 66 9.64 6.32 20.18
C GLU A 66 10.32 5.07 19.63
N ALA A 67 10.88 5.21 18.43
CA ALA A 67 11.58 4.15 17.73
C ALA A 67 12.55 4.81 16.76
N ASP A 68 13.66 4.16 16.46
CA ASP A 68 14.63 4.73 15.55
C ASP A 68 14.29 4.44 14.09
N ASN A 69 13.53 3.37 13.87
CA ASN A 69 13.14 2.99 12.53
C ASN A 69 11.63 2.87 12.43
N VAL A 70 11.02 3.80 11.72
CA VAL A 70 9.58 3.79 11.56
C VAL A 70 9.17 3.71 10.09
N PHE A 71 8.33 2.73 9.77
CA PHE A 71 7.83 2.57 8.41
C PHE A 71 6.31 2.74 8.45
N ALA A 72 5.76 3.45 7.48
CA ALA A 72 4.33 3.66 7.47
C ALA A 72 3.72 3.51 6.10
N ASN A 73 2.50 2.98 6.08
CA ASN A 73 1.75 2.82 4.84
C ASN A 73 0.71 3.88 5.00
N VAL A 74 0.49 4.69 3.98
CA VAL A 74 -0.54 5.71 4.06
C VAL A 74 -1.37 5.67 2.80
N LYS A 75 -2.67 5.87 2.94
CA LYS A 75 -3.57 5.91 1.82
C LYS A 75 -4.19 7.28 1.87
N ILE A 76 -4.17 7.97 0.74
CA ILE A 76 -4.78 9.28 0.69
C ILE A 76 -5.84 9.25 -0.38
N ASN A 77 -6.95 9.94 -0.12
CA ASN A 77 -8.05 10.02 -1.06
C ASN A 77 -8.49 11.48 -1.01
N VAL A 78 -8.24 12.21 -2.10
CA VAL A 78 -8.60 13.62 -2.20
C VAL A 78 -9.52 13.98 -3.34
N GLY A 79 -10.25 15.09 -3.15
CA GLY A 79 -11.18 15.57 -4.15
C GLY A 79 -12.61 15.31 -3.75
N GLU A 80 -13.50 15.17 -4.73
CA GLU A 80 -14.90 14.89 -4.44
C GLU A 80 -15.01 13.43 -4.10
N ILE A 81 -14.61 13.12 -2.87
CA ILE A 81 -14.59 11.77 -2.33
C ILE A 81 -15.82 11.44 -1.49
N LEU A 82 -16.22 10.18 -1.47
CA LEU A 82 -17.37 9.76 -0.69
C LEU A 82 -16.87 9.69 0.76
N SER A 83 -17.77 9.91 1.71
CA SER A 83 -17.41 9.90 3.13
C SER A 83 -17.28 8.50 3.68
N ILE A 84 -16.73 8.37 4.88
CA ILE A 84 -16.57 7.06 5.48
C ILE A 84 -17.93 6.37 5.53
N ASP A 85 -18.97 7.10 5.92
CA ASP A 85 -20.32 6.54 5.97
C ASP A 85 -20.79 6.06 4.60
N GLU A 86 -20.51 6.84 3.57
CA GLU A 86 -20.91 6.49 2.21
C GLU A 86 -20.13 5.29 1.64
N LYS A 87 -18.81 5.29 1.80
CA LYS A 87 -18.02 4.17 1.29
C LYS A 87 -18.57 2.92 1.95
N LEU A 88 -18.73 2.97 3.27
CA LEU A 88 -19.22 1.81 4.01
C LEU A 88 -20.59 1.30 3.57
N GLU A 89 -21.24 2.04 2.66
CA GLU A 89 -22.52 1.62 2.10
C GLU A 89 -22.20 1.38 0.62
N LYS A 90 -21.29 0.43 0.39
CA LYS A 90 -20.86 0.09 -0.95
C LYS A 90 -22.05 -0.38 -1.77
N MSE B 1 -4.80 -12.46 -17.79
CA MSE B 1 -3.52 -12.87 -18.43
C MSE B 1 -2.35 -12.01 -17.96
O MSE B 1 -1.76 -12.29 -16.92
CB MSE B 1 -3.65 -12.76 -19.95
CG MSE B 1 -2.45 -13.33 -20.70
SE MSE B 1 -2.47 -12.81 -22.54
CE MSE B 1 -0.99 -11.56 -22.56
N LYS B 2 -2.01 -10.99 -18.73
CA LYS B 2 -0.93 -10.07 -18.37
C LYS B 2 -1.19 -9.60 -16.96
N ALA B 3 -0.11 -9.54 -16.18
CA ALA B 3 -0.23 -9.11 -14.80
C ALA B 3 1.10 -8.60 -14.32
N SER B 4 1.07 -7.88 -13.21
CA SER B 4 2.28 -7.36 -12.65
C SER B 4 2.09 -7.29 -11.14
N ILE B 5 3.07 -7.82 -10.42
CA ILE B 5 3.03 -7.85 -8.97
C ILE B 5 4.19 -6.99 -8.50
N ALA B 6 4.00 -6.31 -7.38
CA ALA B 6 5.05 -5.50 -6.78
C ALA B 6 5.07 -6.07 -5.37
N LEU B 7 6.18 -6.70 -4.99
CA LEU B 7 6.26 -7.32 -3.67
C LEU B 7 7.19 -6.65 -2.68
N GLN B 8 6.69 -6.40 -1.47
CA GLN B 8 7.50 -5.83 -0.38
C GLN B 8 7.30 -6.65 0.88
N VAL B 9 8.39 -7.19 1.41
CA VAL B 9 8.32 -8.01 2.62
C VAL B 9 8.98 -7.32 3.80
N LEU B 10 8.22 -7.14 4.89
CA LEU B 10 8.76 -6.55 6.13
C LEU B 10 8.60 -7.68 7.16
N PRO B 11 9.72 -8.32 7.53
CA PRO B 11 9.81 -9.42 8.49
C PRO B 11 9.48 -9.14 9.95
N LEU B 12 9.64 -7.89 10.39
CA LEU B 12 9.38 -7.55 11.79
C LEU B 12 10.21 -8.47 12.67
N VAL B 13 11.52 -8.45 12.42
CA VAL B 13 12.46 -9.27 13.19
C VAL B 13 13.67 -8.42 13.56
N GLN B 14 14.52 -8.97 14.42
CA GLN B 14 15.70 -8.28 14.93
C GLN B 14 16.96 -8.42 14.06
N GLY B 15 17.32 -7.31 13.41
CA GLY B 15 18.50 -7.27 12.56
C GLY B 15 18.80 -8.50 11.70
N ILE B 16 20.04 -8.95 11.78
CA ILE B 16 20.55 -10.09 11.02
C ILE B 16 19.53 -11.17 10.60
N ASP B 17 18.67 -11.59 11.52
CA ASP B 17 17.69 -12.64 11.22
C ASP B 17 16.58 -12.28 10.23
N ARG B 18 16.36 -10.99 10.02
CA ARG B 18 15.31 -10.55 9.10
C ARG B 18 15.92 -10.36 7.72
N ILE B 19 17.09 -9.72 7.68
CA ILE B 19 17.80 -9.48 6.44
C ILE B 19 18.28 -10.81 5.86
N ALA B 20 17.62 -11.88 6.26
CA ALA B 20 17.92 -13.21 5.80
C ALA B 20 16.65 -13.70 5.13
N VAL B 21 15.50 -13.34 5.72
CA VAL B 21 14.24 -13.75 5.14
C VAL B 21 14.10 -12.98 3.85
N ILE B 22 14.70 -11.79 3.80
CA ILE B 22 14.63 -10.94 2.61
C ILE B 22 15.56 -11.44 1.51
N ASP B 23 16.74 -11.95 1.88
CA ASP B 23 17.67 -12.49 0.89
C ASP B 23 17.10 -13.82 0.38
N GLN B 24 16.32 -14.47 1.25
CA GLN B 24 15.66 -15.73 0.94
C GLN B 24 14.53 -15.50 -0.06
N VAL B 25 13.76 -14.43 0.13
CA VAL B 25 12.67 -14.15 -0.78
C VAL B 25 13.21 -13.67 -2.12
N ILE B 26 14.29 -12.90 -2.10
CA ILE B 26 14.91 -12.43 -3.33
C ILE B 26 15.49 -13.61 -4.11
N ALA B 27 16.26 -14.45 -3.43
CA ALA B 27 16.87 -15.61 -4.06
C ALA B 27 15.79 -16.51 -4.67
N TYR B 28 14.75 -16.80 -3.91
CA TYR B 28 13.68 -17.63 -4.44
C TYR B 28 13.12 -17.00 -5.72
N LEU B 29 12.79 -15.71 -5.65
CA LEU B 29 12.24 -14.99 -6.79
C LEU B 29 13.14 -15.09 -8.02
N GLN B 30 14.45 -14.97 -7.84
CA GLN B 30 15.38 -15.05 -8.97
C GLN B 30 15.29 -16.42 -9.64
N THR B 31 14.95 -17.41 -8.83
CA THR B 31 14.80 -18.79 -9.26
C THR B 31 13.68 -19.00 -10.27
N GLN B 32 12.62 -18.21 -10.16
CA GLN B 32 11.52 -18.35 -11.09
C GLN B 32 11.90 -17.78 -12.45
N GLU B 33 11.22 -18.24 -13.49
CA GLU B 33 11.52 -17.78 -14.83
C GLU B 33 10.60 -16.60 -15.14
N VAL B 34 10.69 -15.58 -14.28
CA VAL B 34 9.84 -14.40 -14.40
C VAL B 34 10.65 -13.11 -14.46
N THR B 35 10.16 -12.14 -15.22
CA THR B 35 10.81 -10.86 -15.36
C THR B 35 10.73 -10.13 -14.03
N MSE B 36 11.88 -9.77 -13.48
CA MSE B 36 11.88 -9.08 -12.20
C MSE B 36 12.82 -7.90 -12.05
O MSE B 36 13.94 -7.89 -12.57
CB MSE B 36 12.16 -10.08 -11.10
CG MSE B 36 13.57 -10.57 -10.94
SE MSE B 36 13.87 -11.67 -9.35
CE MSE B 36 14.29 -10.38 -8.07
N VAL B 37 12.34 -6.88 -11.36
CA VAL B 37 13.15 -5.69 -11.12
C VAL B 37 13.09 -5.36 -9.64
N VAL B 38 14.25 -5.26 -9.02
CA VAL B 38 14.28 -4.93 -7.61
C VAL B 38 14.38 -3.41 -7.49
N THR B 39 13.38 -2.78 -6.90
CA THR B 39 13.41 -1.34 -6.72
C THR B 39 13.60 -1.16 -5.20
N PRO B 40 13.88 0.07 -4.75
CA PRO B 40 14.10 0.38 -3.33
C PRO B 40 13.12 -0.07 -2.27
N PHE B 41 11.83 -0.12 -2.60
CA PHE B 41 10.84 -0.50 -1.59
C PHE B 41 10.11 -1.79 -1.90
N GLU B 42 10.16 -2.22 -3.15
CA GLU B 42 9.46 -3.43 -3.55
C GLU B 42 10.09 -4.11 -4.76
N THR B 43 9.85 -5.40 -4.90
CA THR B 43 10.39 -6.12 -6.04
C THR B 43 9.24 -6.27 -7.02
N VAL B 44 9.45 -5.78 -8.25
CA VAL B 44 8.41 -5.82 -9.29
C VAL B 44 8.56 -7.02 -10.24
N LEU B 45 7.52 -7.82 -10.33
CA LEU B 45 7.50 -8.99 -11.19
C LEU B 45 6.50 -8.78 -12.34
N GLU B 46 6.76 -9.39 -13.48
CA GLU B 46 5.89 -9.24 -14.64
C GLU B 46 5.69 -10.57 -15.34
N GLY B 47 4.44 -10.90 -15.67
CA GLY B 47 4.13 -12.15 -16.35
C GLY B 47 2.66 -12.52 -16.28
N GLU B 48 2.34 -13.78 -16.52
CA GLU B 48 0.96 -14.30 -16.50
C GLU B 48 0.39 -14.24 -15.08
N PHE B 49 -0.87 -13.84 -14.96
CA PHE B 49 -1.49 -13.76 -13.64
C PHE B 49 -1.31 -15.03 -12.82
N ASP B 50 -1.64 -16.18 -13.43
CA ASP B 50 -1.53 -17.47 -12.78
C ASP B 50 -0.17 -17.73 -12.16
N GLU B 51 0.90 -17.49 -12.92
CA GLU B 51 2.25 -17.73 -12.43
C GLU B 51 2.65 -16.78 -11.31
N LEU B 52 2.26 -15.51 -11.42
CA LEU B 52 2.60 -14.54 -10.39
C LEU B 52 1.90 -14.87 -9.08
N MSE B 53 0.64 -15.28 -9.14
CA MSE B 53 -0.06 -15.63 -7.91
C MSE B 53 0.65 -16.80 -7.26
O MSE B 53 0.78 -16.85 -6.05
CB MSE B 53 -1.53 -15.97 -8.18
CG MSE B 53 -2.41 -14.76 -8.52
SE MSE B 53 -2.34 -13.31 -7.22
CE MSE B 53 -1.06 -12.21 -8.16
N ARG B 54 1.11 -17.74 -8.09
CA ARG B 54 1.81 -18.91 -7.60
C ARG B 54 3.15 -18.49 -6.98
N ILE B 55 3.90 -17.65 -7.69
CA ILE B 55 5.18 -17.17 -7.18
C ILE B 55 4.99 -16.34 -5.91
N LEU B 56 3.95 -15.51 -5.89
CA LEU B 56 3.67 -14.68 -4.71
C LEU B 56 3.49 -15.57 -3.49
N LYS B 57 2.65 -16.59 -3.63
CA LYS B 57 2.37 -17.52 -2.54
C LYS B 57 3.63 -18.22 -2.06
N GLU B 58 4.46 -18.67 -3.00
CA GLU B 58 5.69 -19.35 -2.61
C GLU B 58 6.63 -18.37 -1.93
N ALA B 59 6.76 -17.18 -2.50
CA ALA B 59 7.64 -16.16 -1.94
C ALA B 59 7.28 -15.93 -0.47
N LEU B 60 5.99 -15.81 -0.19
CA LEU B 60 5.54 -15.59 1.17
C LEU B 60 5.80 -16.80 2.06
N GLU B 61 5.62 -18.01 1.53
CA GLU B 61 5.87 -19.22 2.31
C GLU B 61 7.37 -19.30 2.64
N VAL B 62 8.20 -18.83 1.70
CA VAL B 62 9.64 -18.84 1.95
C VAL B 62 9.92 -17.91 3.12
N ALA B 63 9.42 -16.67 3.02
CA ALA B 63 9.64 -15.68 4.06
C ALA B 63 9.12 -16.15 5.42
N GLY B 64 7.97 -16.82 5.41
CA GLY B 64 7.37 -17.30 6.63
C GLY B 64 8.11 -18.42 7.31
N GLN B 65 9.02 -19.05 6.58
CA GLN B 65 9.80 -20.13 7.16
C GLN B 65 11.21 -19.58 7.37
N GLU B 66 11.27 -18.39 7.96
CA GLU B 66 12.54 -17.73 8.22
C GLU B 66 12.29 -16.69 9.33
N ALA B 67 11.00 -16.47 9.61
CA ALA B 67 10.55 -15.53 10.62
C ALA B 67 9.16 -15.97 11.05
N ASP B 68 8.79 -15.69 12.30
CA ASP B 68 7.48 -16.09 12.80
C ASP B 68 6.40 -15.07 12.46
N ASN B 69 6.82 -13.83 12.22
CA ASN B 69 5.89 -12.77 11.88
C ASN B 69 6.31 -12.10 10.58
N VAL B 70 5.53 -12.32 9.53
CA VAL B 70 5.84 -11.73 8.25
C VAL B 70 4.69 -10.87 7.74
N PHE B 71 5.02 -9.62 7.41
CA PHE B 71 4.03 -8.70 6.86
C PHE B 71 4.46 -8.33 5.46
N ALA B 72 3.52 -8.28 4.52
CA ALA B 72 3.88 -7.92 3.15
C ALA B 72 2.90 -6.96 2.53
N ASN B 73 3.44 -6.10 1.68
CA ASN B 73 2.63 -5.15 0.93
C ASN B 73 2.71 -5.73 -0.47
N VAL B 74 1.58 -5.83 -1.16
CA VAL B 74 1.60 -6.34 -2.51
C VAL B 74 0.73 -5.48 -3.38
N LYS B 75 1.21 -5.21 -4.59
CA LYS B 75 0.47 -4.43 -5.56
C LYS B 75 0.19 -5.39 -6.73
N ILE B 76 -1.06 -5.54 -7.06
CA ILE B 76 -1.46 -6.34 -8.21
C ILE B 76 -2.03 -5.47 -9.32
N ASN B 77 -1.60 -5.67 -10.52
CA ASN B 77 -2.09 -4.92 -11.68
C ASN B 77 -2.35 -6.00 -12.73
N VAL B 78 -3.61 -6.20 -13.08
CA VAL B 78 -4.00 -7.21 -14.05
C VAL B 78 -4.96 -6.70 -15.12
N GLY B 79 -4.74 -7.13 -16.36
CA GLY B 79 -5.59 -6.73 -17.47
C GLY B 79 -4.82 -6.15 -18.64
N GLU B 80 -5.42 -5.21 -19.34
CA GLU B 80 -4.73 -4.56 -20.46
C GLU B 80 -3.84 -3.53 -19.81
N ILE B 81 -2.87 -4.02 -19.04
CA ILE B 81 -1.94 -3.15 -18.32
C ILE B 81 -0.76 -2.84 -19.19
N LEU B 82 0.02 -1.85 -18.77
CA LEU B 82 1.22 -1.48 -19.51
C LEU B 82 2.38 -2.27 -18.93
N SER B 83 3.23 -2.80 -19.80
CA SER B 83 4.38 -3.57 -19.35
C SER B 83 5.27 -2.66 -18.50
N ILE B 84 6.22 -3.26 -17.78
CA ILE B 84 7.13 -2.47 -16.96
C ILE B 84 7.85 -1.50 -17.88
N ASP B 85 8.28 -1.99 -19.05
CA ASP B 85 8.99 -1.16 -20.03
C ASP B 85 8.22 0.11 -20.42
N GLU B 86 6.96 -0.06 -20.82
CA GLU B 86 6.11 1.06 -21.21
C GLU B 86 5.97 2.04 -20.06
N LYS B 87 5.73 1.53 -18.85
CA LYS B 87 5.60 2.40 -17.67
C LYS B 87 6.92 3.12 -17.43
N LEU B 88 8.04 2.40 -17.53
CA LEU B 88 9.38 2.98 -17.34
C LEU B 88 9.33 4.40 -17.88
N GLU B 89 9.28 4.53 -19.21
CA GLU B 89 9.18 5.87 -19.77
C GLU B 89 7.70 6.16 -19.86
N LYS B 90 7.09 6.39 -18.70
CA LYS B 90 5.67 6.68 -18.59
C LYS B 90 5.25 7.80 -19.52
N MSE C 1 14.20 13.49 10.84
CA MSE C 1 15.14 14.15 9.88
C MSE C 1 15.21 13.38 8.56
O MSE C 1 14.49 13.68 7.61
CB MSE C 1 16.55 14.26 10.46
CG MSE C 1 17.61 14.73 9.45
SE MSE C 1 19.47 14.42 9.98
CE MSE C 1 19.40 12.50 10.26
N LYS C 2 16.12 12.41 8.51
CA LYS C 2 16.32 11.59 7.33
C LYS C 2 15.08 10.73 7.10
N ALA C 3 14.50 10.84 5.91
CA ALA C 3 13.31 10.08 5.56
C ALA C 3 13.20 9.77 4.06
N SER C 4 12.30 8.83 3.76
CA SER C 4 12.07 8.41 2.39
C SER C 4 10.56 8.22 2.17
N ILE C 5 10.11 8.55 0.96
CA ILE C 5 8.69 8.45 0.57
C ILE C 5 8.65 7.71 -0.77
N ALA C 6 7.63 6.90 -0.98
CA ALA C 6 7.42 6.18 -2.23
C ALA C 6 5.97 6.53 -2.58
N LEU C 7 5.77 7.32 -3.62
CA LEU C 7 4.45 7.79 -3.99
C LEU C 7 3.75 7.18 -5.21
N GLN C 8 2.51 6.74 -5.01
CA GLN C 8 1.74 6.16 -6.11
C GLN C 8 0.42 6.87 -6.27
N VAL C 9 0.25 7.48 -7.43
CA VAL C 9 -0.96 8.21 -7.72
C VAL C 9 -1.87 7.39 -8.60
N LEU C 10 -3.15 7.45 -8.29
CA LEU C 10 -4.15 6.72 -9.05
C LEU C 10 -5.40 7.55 -9.27
N PRO C 11 -5.49 8.26 -10.41
CA PRO C 11 -6.65 9.09 -10.74
C PRO C 11 -7.75 8.16 -11.23
N LEU C 12 -8.99 8.37 -10.79
CA LEU C 12 -10.07 7.48 -11.19
C LEU C 12 -11.31 8.15 -11.83
N VAL C 13 -11.10 9.13 -12.71
CA VAL C 13 -12.23 9.81 -13.34
C VAL C 13 -12.37 9.58 -14.86
N GLN C 14 -11.29 9.82 -15.60
CA GLN C 14 -11.32 9.73 -17.05
C GLN C 14 -10.70 8.42 -17.53
N GLY C 15 -9.73 8.53 -18.44
CA GLY C 15 -9.56 7.54 -19.49
C GLY C 15 -8.10 7.16 -19.68
N ILE C 16 -7.30 8.12 -20.14
CA ILE C 16 -5.88 8.15 -19.80
C ILE C 16 -5.25 9.48 -20.19
N ASP C 17 -6.06 10.53 -20.21
CA ASP C 17 -6.03 11.54 -19.16
C ASP C 17 -5.11 11.11 -18.02
N ARG C 18 -5.12 9.83 -17.69
CA ARG C 18 -4.61 9.35 -16.42
C ARG C 18 -3.09 9.41 -16.38
N ILE C 19 -2.45 8.76 -17.35
CA ILE C 19 -1.01 8.91 -17.56
C ILE C 19 -0.65 10.35 -17.89
N ALA C 20 -1.67 11.22 -17.92
CA ALA C 20 -1.44 12.65 -18.03
C ALA C 20 -1.23 13.26 -16.65
N VAL C 21 -2.24 13.08 -15.79
CA VAL C 21 -2.19 13.60 -14.44
C VAL C 21 -1.00 13.02 -13.69
N ILE C 22 -0.66 11.78 -14.01
CA ILE C 22 0.49 11.16 -13.38
C ILE C 22 1.71 11.92 -13.91
N ASP C 23 1.75 12.11 -15.23
CA ASP C 23 2.84 12.85 -15.87
C ASP C 23 3.04 14.21 -15.19
N GLN C 24 1.91 14.87 -14.87
CA GLN C 24 1.90 16.17 -14.20
C GLN C 24 2.57 16.06 -12.84
N VAL C 25 2.05 15.16 -12.01
CA VAL C 25 2.63 14.94 -10.69
C VAL C 25 4.13 14.66 -10.86
N ILE C 26 4.49 13.98 -11.94
CA ILE C 26 5.90 13.67 -12.21
C ILE C 26 6.67 14.96 -12.51
N ALA C 27 6.11 15.78 -13.40
CA ALA C 27 6.75 17.05 -13.75
C ALA C 27 6.96 17.89 -12.49
N TYR C 28 5.91 18.03 -11.68
CA TYR C 28 6.03 18.81 -10.46
C TYR C 28 7.18 18.28 -9.62
N LEU C 29 7.17 16.98 -9.39
CA LEU C 29 8.20 16.32 -8.58
C LEU C 29 9.61 16.62 -9.10
N GLN C 30 9.80 16.58 -10.41
CA GLN C 30 11.13 16.85 -10.99
C GLN C 30 11.57 18.27 -10.65
N THR C 31 10.58 19.15 -10.50
CA THR C 31 10.79 20.54 -10.17
C THR C 31 11.45 20.76 -8.80
N GLN C 32 11.14 19.89 -7.85
CA GLN C 32 11.74 20.02 -6.52
C GLN C 32 13.22 19.63 -6.56
N GLU C 33 13.99 20.10 -5.59
CA GLU C 33 15.40 19.79 -5.54
C GLU C 33 15.57 18.59 -4.64
N VAL C 34 14.89 17.51 -4.99
CA VAL C 34 14.92 16.28 -4.19
C VAL C 34 15.33 15.08 -5.03
N THR C 35 16.07 14.16 -4.40
CA THR C 35 16.51 12.94 -5.07
C THR C 35 15.30 12.09 -5.41
N MSE C 36 15.13 11.76 -6.68
CA MSE C 36 13.99 10.96 -7.07
C MSE C 36 14.24 9.84 -8.09
O MSE C 36 15.06 9.97 -9.01
CB MSE C 36 12.90 11.89 -7.59
CG MSE C 36 13.12 12.48 -8.94
SE MSE C 36 11.54 13.49 -9.33
CE MSE C 36 10.53 12.13 -10.39
N VAL C 37 13.53 8.74 -7.90
CA VAL C 37 13.65 7.62 -8.81
C VAL C 37 12.24 7.18 -9.16
N VAL C 38 11.96 7.13 -10.45
CA VAL C 38 10.65 6.64 -10.88
C VAL C 38 10.74 5.13 -11.09
N THR C 39 10.00 4.34 -10.30
CA THR C 39 10.00 2.89 -10.47
C THR C 39 8.61 2.58 -11.08
N PRO C 40 8.40 1.35 -11.55
CA PRO C 40 7.13 0.92 -12.17
C PRO C 40 5.80 1.17 -11.48
N PHE C 41 5.76 1.17 -10.16
CA PHE C 41 4.49 1.36 -9.46
C PHE C 41 4.45 2.60 -8.58
N GLU C 42 5.62 3.16 -8.29
CA GLU C 42 5.69 4.32 -7.42
C GLU C 42 6.94 5.16 -7.68
N THR C 43 6.87 6.44 -7.33
CA THR C 43 8.01 7.32 -7.50
C THR C 43 8.63 7.47 -6.12
N VAL C 44 9.90 7.12 -6.01
CA VAL C 44 10.63 7.17 -4.73
C VAL C 44 11.42 8.46 -4.53
N LEU C 45 11.14 9.16 -3.44
CA LEU C 45 11.82 10.42 -3.12
C LEU C 45 12.68 10.23 -1.88
N GLU C 46 13.78 10.98 -1.81
CA GLU C 46 14.68 10.87 -0.66
C GLU C 46 15.14 12.24 -0.18
N GLY C 47 15.10 12.47 1.13
CA GLY C 47 15.51 13.75 1.67
C GLY C 47 15.03 13.99 3.09
N GLU C 48 15.02 15.25 3.51
CA GLU C 48 14.56 15.65 4.86
C GLU C 48 13.05 15.43 5.03
N PHE C 49 12.66 14.89 6.18
CA PHE C 49 11.26 14.62 6.42
C PHE C 49 10.37 15.82 6.09
N ASP C 50 10.72 16.98 6.63
CA ASP C 50 9.97 18.21 6.41
C ASP C 50 9.72 18.52 4.94
N GLU C 51 10.77 18.46 4.12
CA GLU C 51 10.63 18.77 2.70
C GLU C 51 9.76 17.75 1.96
N LEU C 52 9.91 16.46 2.30
CA LEU C 52 9.13 15.42 1.64
C LEU C 52 7.65 15.58 1.96
N MSE C 53 7.32 15.87 3.22
CA MSE C 53 5.92 16.05 3.57
C MSE C 53 5.34 17.22 2.77
O MSE C 53 4.21 17.18 2.30
CB MSE C 53 5.76 16.29 5.08
CG MSE C 53 5.96 15.04 5.93
SE MSE C 53 4.88 13.49 5.34
CE MSE C 53 6.29 12.58 4.39
N ARG C 54 6.15 18.27 2.61
CA ARG C 54 5.73 19.43 1.85
C ARG C 54 5.56 19.06 0.37
N ILE C 55 6.52 18.34 -0.17
CA ILE C 55 6.44 17.93 -1.57
C ILE C 55 5.27 16.97 -1.78
N LEU C 56 5.07 16.04 -0.85
CA LEU C 56 3.95 15.10 -0.97
C LEU C 56 2.64 15.85 -1.08
N LYS C 57 2.44 16.80 -0.16
CA LYS C 57 1.21 17.59 -0.15
C LYS C 57 1.01 18.34 -1.46
N GLU C 58 2.07 18.97 -1.96
CA GLU C 58 1.96 19.71 -3.21
C GLU C 58 1.67 18.76 -4.36
N ALA C 59 2.39 17.64 -4.41
CA ALA C 59 2.18 16.64 -5.45
C ALA C 59 0.72 16.25 -5.51
N LEU C 60 0.13 15.97 -4.35
CA LEU C 60 -1.28 15.60 -4.30
C LEU C 60 -2.21 16.74 -4.72
N GLU C 61 -1.88 17.97 -4.34
CA GLU C 61 -2.68 19.13 -4.73
C GLU C 61 -2.60 19.31 -6.24
N VAL C 62 -1.44 18.99 -6.81
CA VAL C 62 -1.30 19.10 -8.26
C VAL C 62 -2.23 18.08 -8.91
N ALA C 63 -2.14 16.84 -8.47
CA ALA C 63 -2.96 15.76 -9.03
C ALA C 63 -4.45 16.06 -8.87
N GLY C 64 -4.82 16.63 -7.72
CA GLY C 64 -6.20 16.94 -7.44
C GLY C 64 -6.79 18.05 -8.29
N GLN C 65 -5.92 18.83 -8.92
CA GLN C 65 -6.39 19.90 -9.77
C GLN C 65 -6.17 19.46 -11.21
N GLU C 66 -6.57 18.22 -11.50
CA GLU C 66 -6.41 17.64 -12.83
C GLU C 66 -7.41 16.48 -12.93
N ALA C 67 -7.98 16.13 -11.79
CA ALA C 67 -8.97 15.05 -11.68
C ALA C 67 -9.80 15.35 -10.45
N ASP C 68 -11.07 14.91 -10.44
CA ASP C 68 -11.93 15.16 -9.29
C ASP C 68 -11.77 14.11 -8.21
N ASN C 69 -11.32 12.93 -8.61
CA ASN C 69 -11.10 11.82 -7.68
C ASN C 69 -9.68 11.32 -7.77
N VAL C 70 -8.90 11.60 -6.72
CA VAL C 70 -7.52 11.15 -6.70
C VAL C 70 -7.23 10.24 -5.52
N PHE C 71 -6.66 9.08 -5.81
CA PHE C 71 -6.31 8.15 -4.76
C PHE C 71 -4.81 7.94 -4.81
N ALA C 72 -4.17 7.88 -3.65
CA ALA C 72 -2.73 7.69 -3.66
C ALA C 72 -2.26 6.74 -2.56
N ASN C 73 -1.23 5.97 -2.89
CA ASN C 73 -0.62 5.03 -1.97
C ASN C 73 0.68 5.74 -1.64
N VAL C 74 1.02 5.81 -0.37
CA VAL C 74 2.26 6.47 0.01
C VAL C 74 2.98 5.60 1.03
N LYS C 75 4.29 5.53 0.88
CA LYS C 75 5.12 4.78 1.81
C LYS C 75 6.07 5.78 2.42
N ILE C 76 6.18 5.77 3.74
CA ILE C 76 7.08 6.68 4.41
C ILE C 76 8.05 5.88 5.25
N ASN C 77 9.32 6.28 5.22
CA ASN C 77 10.31 5.54 5.98
C ASN C 77 11.35 6.42 6.67
N VAL C 78 11.97 5.88 7.74
CA VAL C 78 13.01 6.58 8.48
C VAL C 78 14.11 5.67 9.04
N GLY C 79 15.27 5.67 8.36
CA GLY C 79 16.42 4.88 8.78
C GLY C 79 16.45 3.38 8.45
N GLU C 80 17.61 2.78 8.74
CA GLU C 80 17.89 1.34 8.58
C GLU C 80 17.47 0.48 7.37
N ILE C 81 16.60 0.96 6.49
CA ILE C 81 16.24 0.12 5.34
C ILE C 81 17.20 0.34 4.17
N LEU C 82 16.84 1.22 3.24
CA LEU C 82 17.69 1.39 2.07
C LEU C 82 17.63 2.76 1.37
N SER C 83 18.78 3.14 0.84
CA SER C 83 19.00 4.38 0.11
C SER C 83 20.01 3.94 -0.94
N ILE C 84 20.63 2.80 -0.66
CA ILE C 84 21.61 2.17 -1.54
C ILE C 84 20.85 1.80 -2.81
N ASP C 85 19.70 1.17 -2.61
CA ASP C 85 18.82 0.76 -3.70
C ASP C 85 18.57 1.90 -4.67
N GLU C 86 18.52 3.11 -4.13
CA GLU C 86 18.29 4.32 -4.92
C GLU C 86 19.02 4.33 -6.25
N LYS C 87 20.11 3.57 -6.30
CA LYS C 87 20.90 3.45 -7.52
C LYS C 87 19.94 3.25 -8.70
N LEU C 88 19.61 4.35 -9.36
CA LEU C 88 18.73 4.31 -10.52
C LEU C 88 19.45 3.50 -11.57
N GLU C 89 20.52 4.09 -12.10
CA GLU C 89 21.35 3.46 -13.12
C GLU C 89 20.56 2.56 -14.08
N LYS C 90 19.56 3.14 -14.73
CA LYS C 90 18.70 2.44 -15.67
C LYS C 90 17.61 3.40 -16.16
N MSE D 1 0.74 -20.72 7.75
CA MSE D 1 -0.54 -21.44 8.01
C MSE D 1 -1.63 -20.46 8.42
O MSE D 1 -2.57 -20.22 7.65
CB MSE D 1 -0.35 -22.49 9.12
CG MSE D 1 -1.50 -23.49 9.27
SE MSE D 1 -1.13 -24.93 10.57
CE MSE D 1 -1.99 -24.16 12.12
N LYS D 2 -1.54 -19.90 9.62
CA LYS D 2 -2.52 -18.92 10.09
C LYS D 2 -2.17 -17.59 9.45
N ALA D 3 -3.12 -16.96 8.76
CA ALA D 3 -2.85 -15.69 8.10
C ALA D 3 -4.01 -14.71 7.98
N SER D 4 -3.66 -13.50 7.55
CA SER D 4 -4.61 -12.41 7.39
C SER D 4 -4.27 -11.61 6.12
N ILE D 5 -5.31 -11.19 5.40
CA ILE D 5 -5.19 -10.45 4.14
C ILE D 5 -6.04 -9.17 4.20
N ALA D 6 -5.59 -8.14 3.49
CA ALA D 6 -6.33 -6.88 3.45
C ALA D 6 -6.40 -6.54 1.98
N LEU D 7 -7.61 -6.46 1.43
CA LEU D 7 -7.77 -6.19 -0.02
C LEU D 7 -8.39 -4.86 -0.41
N GLN D 8 -7.84 -4.22 -1.44
CA GLN D 8 -8.38 -2.95 -1.91
C GLN D 8 -8.30 -2.93 -3.43
N VAL D 9 -9.45 -2.93 -4.09
CA VAL D 9 -9.50 -2.91 -5.54
C VAL D 9 -9.79 -1.53 -6.05
N LEU D 10 -8.90 -1.01 -6.89
CA LEU D 10 -9.08 0.30 -7.49
C LEU D 10 -9.26 0.05 -9.00
N PRO D 11 -10.51 0.01 -9.48
CA PRO D 11 -10.75 -0.23 -10.91
C PRO D 11 -10.40 0.95 -11.81
N LEU D 12 -10.07 2.09 -11.20
CA LEU D 12 -9.73 3.29 -11.95
C LEU D 12 -10.62 3.46 -13.18
N VAL D 13 -11.92 3.49 -12.95
CA VAL D 13 -12.89 3.65 -14.02
C VAL D 13 -13.88 4.76 -13.63
N GLN D 14 -14.51 5.35 -14.65
CA GLN D 14 -15.47 6.46 -14.54
C GLN D 14 -16.63 6.34 -13.53
N GLY D 15 -16.50 7.01 -12.38
CA GLY D 15 -17.54 6.97 -11.36
C GLY D 15 -18.34 5.67 -11.24
N ILE D 16 -19.64 5.79 -11.00
CA ILE D 16 -20.55 4.64 -10.85
C ILE D 16 -19.92 3.24 -10.96
N ASP D 17 -19.53 2.86 -12.18
CA ASP D 17 -18.94 1.56 -12.43
C ASP D 17 -17.86 1.17 -11.42
N ARG D 18 -17.12 2.14 -10.91
CA ARG D 18 -16.07 1.81 -9.97
C ARG D 18 -16.62 1.16 -8.70
N ILE D 19 -17.80 1.58 -8.24
CA ILE D 19 -18.37 0.96 -7.04
C ILE D 19 -19.13 -0.33 -7.42
N ALA D 20 -19.26 -0.57 -8.71
CA ALA D 20 -19.94 -1.77 -9.18
C ALA D 20 -18.93 -2.92 -9.16
N VAL D 21 -17.73 -2.68 -9.72
CA VAL D 21 -16.69 -3.70 -9.73
C VAL D 21 -16.23 -3.96 -8.30
N ILE D 22 -16.36 -2.95 -7.44
CA ILE D 22 -16.00 -3.10 -6.04
C ILE D 22 -17.09 -3.95 -5.37
N ASP D 23 -18.36 -3.61 -5.62
CA ASP D 23 -19.50 -4.36 -5.06
C ASP D 23 -19.42 -5.83 -5.50
N GLN D 24 -19.01 -6.05 -6.75
CA GLN D 24 -18.85 -7.39 -7.31
C GLN D 24 -17.89 -8.19 -6.45
N VAL D 25 -16.70 -7.65 -6.31
CA VAL D 25 -15.65 -8.29 -5.53
C VAL D 25 -16.14 -8.53 -4.10
N ILE D 26 -16.97 -7.62 -3.61
CA ILE D 26 -17.52 -7.76 -2.25
C ILE D 26 -18.47 -8.95 -2.21
N ALA D 27 -19.40 -9.02 -3.16
CA ALA D 27 -20.34 -10.14 -3.19
C ALA D 27 -19.60 -11.46 -3.25
N TYR D 28 -18.61 -11.57 -4.14
CA TYR D 28 -17.86 -12.80 -4.25
C TYR D 28 -17.26 -13.16 -2.90
N LEU D 29 -16.58 -12.19 -2.31
CA LEU D 29 -15.94 -12.38 -1.02
C LEU D 29 -16.93 -12.89 0.04
N GLN D 30 -18.13 -12.33 0.09
CA GLN D 30 -19.11 -12.77 1.07
C GLN D 30 -19.47 -14.25 0.86
N THR D 31 -19.37 -14.67 -0.39
CA THR D 31 -19.64 -16.04 -0.79
C THR D 31 -18.70 -17.06 -0.15
N GLN D 32 -17.46 -16.67 0.10
CA GLN D 32 -16.50 -17.59 0.70
C GLN D 32 -16.84 -17.80 2.17
N GLU D 33 -16.35 -18.90 2.74
CA GLU D 33 -16.63 -19.19 4.14
C GLU D 33 -15.44 -18.69 4.92
N VAL D 34 -15.16 -17.40 4.78
CA VAL D 34 -14.04 -16.78 5.45
C VAL D 34 -14.46 -15.58 6.28
N THR D 35 -13.79 -15.37 7.41
CA THR D 35 -14.07 -14.23 8.29
C THR D 35 -13.69 -12.93 7.58
N MSE D 36 -14.63 -12.01 7.43
CA MSE D 36 -14.36 -10.78 6.73
C MSE D 36 -14.92 -9.51 7.35
O MSE D 36 -16.01 -9.50 7.91
CB MSE D 36 -14.85 -10.93 5.29
CG MSE D 36 -16.29 -10.90 5.03
SE MSE D 36 -16.55 -10.90 3.16
CE MSE D 36 -16.69 -8.97 2.76
N VAL D 37 -14.16 -8.44 7.22
CA VAL D 37 -14.61 -7.16 7.74
C VAL D 37 -14.35 -6.14 6.66
N VAL D 38 -15.37 -5.38 6.29
CA VAL D 38 -15.19 -4.33 5.30
C VAL D 38 -14.86 -3.04 6.03
N THR D 39 -13.67 -2.49 5.82
CA THR D 39 -13.32 -1.24 6.46
C THR D 39 -13.34 -0.20 5.31
N PRO D 40 -13.22 1.10 5.63
CA PRO D 40 -13.25 2.18 4.64
C PRO D 40 -12.34 2.14 3.41
N PHE D 41 -11.16 1.56 3.54
CA PHE D 41 -10.23 1.53 2.40
C PHE D 41 -9.90 0.14 1.88
N GLU D 42 -10.16 -0.88 2.71
CA GLU D 42 -9.85 -2.22 2.32
C GLU D 42 -10.74 -3.24 3.02
N THR D 43 -10.88 -4.42 2.42
CA THR D 43 -11.68 -5.47 3.03
C THR D 43 -10.70 -6.45 3.65
N VAL D 44 -10.83 -6.66 4.96
CA VAL D 44 -9.95 -7.55 5.71
C VAL D 44 -10.48 -8.98 5.86
N LEU D 45 -9.69 -9.95 5.41
CA LEU D 45 -10.07 -11.35 5.49
C LEU D 45 -9.16 -12.09 6.46
N GLU D 46 -9.68 -13.12 7.11
CA GLU D 46 -8.88 -13.86 8.08
C GLU D 46 -9.09 -15.36 7.93
N GLY D 47 -8.00 -16.12 7.94
CA GLY D 47 -8.10 -17.56 7.79
C GLY D 47 -6.80 -18.23 7.39
N GLU D 48 -6.87 -19.45 6.87
CA GLU D 48 -5.69 -20.22 6.44
C GLU D 48 -5.01 -19.56 5.23
N PHE D 49 -3.69 -19.51 5.24
CA PHE D 49 -2.97 -18.90 4.14
C PHE D 49 -3.42 -19.41 2.78
N ASP D 50 -3.48 -20.73 2.63
CA ASP D 50 -3.88 -21.37 1.38
C ASP D 50 -5.22 -20.86 0.85
N GLU D 51 -6.24 -20.82 1.71
CA GLU D 51 -7.56 -20.38 1.29
C GLU D 51 -7.59 -18.88 0.90
N LEU D 52 -6.86 -18.05 1.66
CA LEU D 52 -6.83 -16.63 1.36
C LEU D 52 -6.17 -16.37 0.02
N MSE D 53 -5.09 -17.08 -0.28
CA MSE D 53 -4.43 -16.88 -1.57
C MSE D 53 -5.39 -17.27 -2.68
O MSE D 53 -5.47 -16.63 -3.74
CB MSE D 53 -3.14 -17.69 -1.65
CG MSE D 53 -1.98 -17.12 -0.82
SE MSE D 53 -1.62 -15.19 -1.14
CE MSE D 53 -2.53 -14.54 0.43
N ARG D 54 -6.15 -18.32 -2.43
CA ARG D 54 -7.11 -18.79 -3.42
C ARG D 54 -8.22 -17.75 -3.60
N ILE D 55 -8.74 -17.25 -2.48
CA ILE D 55 -9.80 -16.24 -2.50
C ILE D 55 -9.32 -14.94 -3.14
N LEU D 56 -8.09 -14.54 -2.81
CA LEU D 56 -7.52 -13.31 -3.37
C LEU D 56 -7.49 -13.41 -4.89
N LYS D 57 -6.97 -14.53 -5.40
CA LYS D 57 -6.86 -14.75 -6.84
C LYS D 57 -8.22 -14.71 -7.51
N GLU D 58 -9.22 -15.35 -6.90
CA GLU D 58 -10.55 -15.34 -7.46
C GLU D 58 -11.13 -13.93 -7.40
N ALA D 59 -10.98 -13.27 -6.26
CA ALA D 59 -11.49 -11.91 -6.11
C ALA D 59 -10.98 -11.03 -7.23
N LEU D 60 -9.70 -11.13 -7.52
CA LEU D 60 -9.11 -10.33 -8.59
C LEU D 60 -9.61 -10.73 -9.96
N GLU D 61 -9.82 -12.03 -10.18
CA GLU D 61 -10.32 -12.50 -11.49
C GLU D 61 -11.73 -11.99 -11.64
N VAL D 62 -12.48 -11.91 -10.54
CA VAL D 62 -13.84 -11.38 -10.62
C VAL D 62 -13.78 -9.93 -11.05
N ALA D 63 -12.96 -9.14 -10.36
CA ALA D 63 -12.81 -7.72 -10.66
C ALA D 63 -12.35 -7.49 -12.10
N GLY D 64 -11.43 -8.33 -12.55
CA GLY D 64 -10.90 -8.21 -13.90
C GLY D 64 -11.88 -8.51 -15.00
N GLN D 65 -12.97 -9.19 -14.68
CA GLN D 65 -13.98 -9.51 -15.67
C GLN D 65 -15.15 -8.58 -15.42
N GLU D 66 -14.84 -7.30 -15.24
CA GLU D 66 -15.84 -6.27 -14.99
C GLU D 66 -15.22 -4.92 -15.36
N ALA D 67 -13.91 -4.95 -15.57
CA ALA D 67 -13.15 -3.77 -15.96
C ALA D 67 -11.90 -4.25 -16.70
N ASP D 68 -11.39 -3.45 -17.62
CA ASP D 68 -10.20 -3.86 -18.36
C ASP D 68 -8.91 -3.54 -17.63
N ASN D 69 -8.97 -2.56 -16.74
CA ASN D 69 -7.81 -2.17 -15.95
C ASN D 69 -8.11 -2.23 -14.46
N VAL D 70 -7.54 -3.21 -13.79
CA VAL D 70 -7.76 -3.36 -12.36
C VAL D 70 -6.46 -3.26 -11.57
N PHE D 71 -6.45 -2.39 -10.57
CA PHE D 71 -5.29 -2.23 -9.71
C PHE D 71 -5.73 -2.58 -8.30
N ALA D 72 -4.89 -3.29 -7.57
CA ALA D 72 -5.25 -3.66 -6.22
C ALA D 72 -4.07 -3.53 -5.26
N ASN D 73 -4.40 -3.14 -4.04
CA ASN D 73 -3.42 -3.02 -2.97
C ASN D 73 -3.76 -4.21 -2.11
N VAL D 74 -2.76 -4.97 -1.70
CA VAL D 74 -3.03 -6.11 -0.84
C VAL D 74 -2.03 -6.12 0.30
N LYS D 75 -2.51 -6.47 1.49
CA LYS D 75 -1.66 -6.58 2.67
C LYS D 75 -1.76 -8.04 3.13
N ILE D 76 -0.65 -8.70 3.35
CA ILE D 76 -0.64 -10.06 3.85
C ILE D 76 0.05 -10.16 5.20
N ASN D 77 -0.55 -10.77 6.16
CA ASN D 77 0.08 -10.87 7.45
C ASN D 77 0.09 -12.30 7.95
N VAL D 78 1.25 -12.73 8.42
CA VAL D 78 1.42 -14.08 8.95
C VAL D 78 2.08 -13.87 10.30
N GLY D 79 1.48 -14.44 11.33
CA GLY D 79 2.03 -14.29 12.67
C GLY D 79 0.97 -13.80 13.62
N GLU D 80 1.39 -13.18 14.72
CA GLU D 80 0.43 -12.68 15.69
C GLU D 80 0.76 -11.34 16.33
N ILE D 81 2.00 -10.87 16.14
CA ILE D 81 2.42 -9.58 16.70
C ILE D 81 1.35 -8.50 16.46
N LEU D 82 0.88 -8.39 15.23
CA LEU D 82 -0.14 -7.40 14.88
C LEU D 82 -1.56 -7.82 15.28
N SER D 83 -1.67 -8.94 16.01
CA SER D 83 -2.96 -9.48 16.45
C SER D 83 -4.16 -9.04 15.63
N ILE D 84 -4.22 -9.47 14.38
CA ILE D 84 -5.31 -9.12 13.48
C ILE D 84 -6.64 -9.72 13.90
N ASP D 85 -6.60 -10.75 14.75
CA ASP D 85 -7.82 -11.42 15.21
C ASP D 85 -8.66 -10.47 16.06
N GLU D 86 -7.99 -9.44 16.60
CA GLU D 86 -8.66 -8.43 17.42
C GLU D 86 -9.80 -7.77 16.66
N LYS D 87 -9.84 -7.98 15.35
CA LYS D 87 -10.88 -7.39 14.53
C LYS D 87 -12.30 -7.80 14.87
N LEU D 88 -12.48 -8.32 16.08
CA LEU D 88 -13.82 -8.67 16.55
C LEU D 88 -14.50 -7.31 16.64
N GLU D 89 -13.71 -6.28 16.96
CA GLU D 89 -14.18 -4.89 17.04
C GLU D 89 -14.28 -4.46 15.58
N LYS D 90 -15.45 -4.63 14.98
CA LYS D 90 -15.60 -4.30 13.58
C LYS D 90 -16.08 -2.89 13.29
#